data_3O8S
#
_entry.id   3O8S
#
_cell.length_a   64.780
_cell.length_b   64.780
_cell.length_c   108.290
_cell.angle_alpha   90.000
_cell.angle_beta   90.000
_cell.angle_gamma   90.000
#
_symmetry.space_group_name_H-M   'P 43 2 2'
#
loop_
_entity.id
_entity.type
_entity.pdbx_description
1 polymer 'ADP-ribose pyrophosphatase'
2 non-polymer 1,2-ETHANEDIOL
3 non-polymer 'ACETATE ION'
4 water water
#
_entity_poly.entity_id   1
_entity_poly.type   'polypeptide(L)'
_entity_poly.pdbx_seq_one_letter_code
;G(MSE)SQDKWLEWAVRLQALAQTGLAYGKDVYD(MSE)ERFEEIRQIAAE(MSE)LVEPSGQPLEVVKDLFCNETGYQT
PKLDTRAAIFQEDKILLVQENDGLWSLPGGWCDVDQSVKDNVVKEVKEEAGLDVEAQRVVAILDKHKNNPAKSAHRVTKV
FILCRLLGGEFQPNSETVASGFFSLDDLPPLYLGKNTAEQLALCLEASRSEHWETRFD
;
_entity_poly.pdbx_strand_id   A
#
# COMPACT_ATOMS: atom_id res chain seq x y z
N THR A 68 12.86 -9.89 16.21
CA THR A 68 12.05 -8.68 16.18
C THR A 68 10.75 -8.92 15.35
N PRO A 69 9.75 -7.99 15.36
CA PRO A 69 8.55 -8.21 14.51
C PRO A 69 8.86 -8.12 13.02
N LYS A 70 8.19 -8.97 12.21
CA LYS A 70 8.32 -8.98 10.75
C LYS A 70 7.83 -7.64 10.19
N LEU A 71 8.57 -7.06 9.22
CA LEU A 71 8.23 -5.77 8.62
C LEU A 71 7.40 -5.95 7.37
N ASP A 72 6.26 -5.25 7.28
CA ASP A 72 5.39 -5.25 6.11
C ASP A 72 5.30 -3.83 5.56
N THR A 73 5.47 -3.67 4.25
CA THR A 73 5.40 -2.35 3.62
C THR A 73 4.18 -2.33 2.72
N ARG A 74 3.47 -1.20 2.70
CA ARG A 74 2.28 -1.00 1.86
C ARG A 74 2.40 0.33 1.17
N ALA A 75 2.17 0.35 -0.15
CA ALA A 75 2.23 1.60 -0.91
C ALA A 75 0.84 2.14 -1.21
N ALA A 76 0.62 3.42 -0.90
CA ALA A 76 -0.65 4.11 -1.16
C ALA A 76 -0.44 5.10 -2.29
N ILE A 77 -1.03 4.84 -3.45
CA ILE A 77 -0.87 5.65 -4.68
C ILE A 77 -2.23 6.23 -5.06
N PHE A 78 -2.30 7.55 -5.25
CA PHE A 78 -3.55 8.23 -5.59
C PHE A 78 -3.52 8.93 -6.95
N GLN A 79 -4.65 8.92 -7.63
CA GLN A 79 -4.93 9.62 -8.88
C GLN A 79 -6.38 10.09 -8.76
N GLU A 80 -6.63 11.41 -8.75
CA GLU A 80 -7.96 12.01 -8.55
C GLU A 80 -8.59 11.56 -7.21
N ASP A 81 -7.76 11.40 -6.16
CA ASP A 81 -8.11 10.96 -4.82
C ASP A 81 -8.68 9.51 -4.80
N LYS A 82 -8.47 8.73 -5.90
CA LYS A 82 -8.80 7.30 -5.99
C LYS A 82 -7.53 6.51 -5.65
N ILE A 83 -7.63 5.41 -4.86
CA ILE A 83 -6.44 4.68 -4.44
C ILE A 83 -6.11 3.49 -5.37
N LEU A 84 -4.80 3.21 -5.60
CA LEU A 84 -4.44 2.03 -6.40
C LEU A 84 -4.47 0.75 -5.54
N LEU A 85 -5.22 -0.26 -6.02
CA LEU A 85 -5.33 -1.57 -5.38
C LEU A 85 -4.98 -2.65 -6.37
N VAL A 86 -4.36 -3.72 -5.89
CA VAL A 86 -3.98 -4.88 -6.70
C VAL A 86 -4.78 -6.09 -6.21
N GLN A 87 -5.22 -6.93 -7.15
CA GLN A 87 -6.02 -8.11 -6.85
C GLN A 87 -5.17 -9.36 -6.88
N GLU A 88 -5.39 -10.25 -5.89
CA GLU A 88 -4.69 -11.52 -5.75
C GLU A 88 -5.57 -12.68 -6.22
N ASN A 89 -4.97 -13.90 -6.38
CA ASN A 89 -5.66 -15.13 -6.86
C ASN A 89 -7.00 -15.40 -6.14
N ASP A 90 -7.09 -15.10 -4.84
CA ASP A 90 -8.28 -15.27 -4.00
C ASP A 90 -9.39 -14.21 -4.27
N GLY A 91 -9.16 -13.29 -5.20
CA GLY A 91 -10.11 -12.23 -5.56
C GLY A 91 -10.19 -11.02 -4.64
N LEU A 92 -9.34 -10.96 -3.60
CA LEU A 92 -9.30 -9.84 -2.66
C LEU A 92 -8.30 -8.78 -3.13
N TRP A 93 -8.56 -7.53 -2.73
CA TRP A 93 -7.78 -6.37 -3.14
C TRP A 93 -6.96 -5.77 -2.02
N SER A 94 -5.77 -5.34 -2.36
CA SER A 94 -4.88 -4.76 -1.37
C SER A 94 -3.93 -3.73 -2.00
N LEU A 95 -3.34 -2.91 -1.15
CA LEU A 95 -2.32 -1.98 -1.57
C LEU A 95 -1.10 -2.79 -1.98
N PRO A 96 -0.34 -2.36 -3.02
CA PRO A 96 0.90 -3.09 -3.35
C PRO A 96 1.81 -3.10 -2.13
N GLY A 97 2.50 -4.20 -1.94
CA GLY A 97 3.38 -4.31 -0.79
C GLY A 97 3.76 -5.73 -0.45
N GLY A 98 4.07 -5.93 0.82
CA GLY A 98 4.49 -7.21 1.32
C GLY A 98 5.64 -7.07 2.29
N TRP A 99 6.17 -8.21 2.71
CA TRP A 99 7.26 -8.27 3.67
C TRP A 99 8.53 -7.73 3.06
N CYS A 100 9.20 -6.90 3.85
CA CYS A 100 10.40 -6.18 3.47
C CYS A 100 11.55 -7.14 3.28
N ASP A 101 12.14 -7.11 2.07
CA ASP A 101 13.31 -7.90 1.71
C ASP A 101 14.42 -7.58 2.70
N VAL A 102 15.09 -8.61 3.23
CA VAL A 102 16.12 -8.51 4.26
C VAL A 102 17.25 -7.54 3.86
N ASP A 103 17.69 -7.55 2.59
CA ASP A 103 18.79 -6.72 2.11
C ASP A 103 18.33 -5.37 1.56
N GLN A 104 17.02 -5.06 1.63
CA GLN A 104 16.52 -3.79 1.12
C GLN A 104 15.91 -2.93 2.20
N SER A 105 16.02 -1.61 2.01
CA SER A 105 15.43 -0.59 2.86
C SER A 105 13.91 -0.52 2.62
N VAL A 106 13.16 0.15 3.51
CA VAL A 106 11.71 0.31 3.44
C VAL A 106 11.32 0.94 2.10
N LYS A 107 11.96 2.07 1.74
CA LYS A 107 11.74 2.82 0.51
C LYS A 107 12.02 1.98 -0.72
N ASP A 108 13.23 1.34 -0.81
CA ASP A 108 13.59 0.53 -1.98
C ASP A 108 12.62 -0.63 -2.15
N ASN A 109 12.23 -1.24 -1.03
CA ASN A 109 11.31 -2.36 -1.00
C ASN A 109 9.90 -1.98 -1.55
N VAL A 110 9.27 -0.85 -1.09
CA VAL A 110 7.94 -0.47 -1.59
C VAL A 110 7.96 -0.17 -3.09
N VAL A 111 8.94 0.62 -3.54
CA VAL A 111 9.11 0.99 -4.95
C VAL A 111 9.25 -0.26 -5.85
N LYS A 112 10.07 -1.26 -5.42
CA LYS A 112 10.27 -2.48 -6.20
C LYS A 112 8.99 -3.32 -6.21
N GLU A 113 8.28 -3.37 -5.07
CA GLU A 113 7.03 -4.12 -4.95
C GLU A 113 5.93 -3.53 -5.81
N VAL A 114 5.90 -2.18 -5.96
CA VAL A 114 4.88 -1.49 -6.79
C VAL A 114 5.15 -1.84 -8.24
N LYS A 115 6.44 -1.81 -8.65
CA LYS A 115 6.84 -2.16 -10.02
C LYS A 115 6.46 -3.60 -10.35
N GLU A 116 6.82 -4.55 -9.47
CA GLU A 116 6.56 -5.98 -9.64
C GLU A 116 5.09 -6.36 -9.60
N GLU A 117 4.31 -5.72 -8.71
CA GLU A 117 2.89 -6.07 -8.51
C GLU A 117 1.90 -5.27 -9.36
N ALA A 118 2.20 -3.98 -9.67
CA ALA A 118 1.26 -3.12 -10.39
C ALA A 118 1.78 -2.59 -11.74
N GLY A 119 3.06 -2.86 -12.05
CA GLY A 119 3.73 -2.41 -13.27
C GLY A 119 4.02 -0.91 -13.24
N LEU A 120 3.92 -0.30 -12.04
CA LEU A 120 4.06 1.14 -11.92
C LEU A 120 5.37 1.62 -11.34
N ASP A 121 5.87 2.73 -11.90
CA ASP A 121 7.04 3.48 -11.41
C ASP A 121 6.49 4.52 -10.48
N VAL A 122 6.93 4.49 -9.23
CA VAL A 122 6.50 5.43 -8.21
C VAL A 122 7.69 5.91 -7.42
N GLU A 123 7.50 7.02 -6.73
CA GLU A 123 8.52 7.50 -5.82
C GLU A 123 7.92 7.53 -4.41
N ALA A 124 8.61 6.88 -3.45
CA ALA A 124 8.22 6.83 -2.03
C ALA A 124 8.27 8.24 -1.49
N GLN A 125 7.21 8.68 -0.81
CA GLN A 125 7.15 10.08 -0.42
C GLN A 125 7.03 10.34 1.06
N ARG A 126 6.11 9.65 1.73
CA ARG A 126 5.78 9.97 3.09
C ARG A 126 5.40 8.73 3.84
N VAL A 127 5.78 8.68 5.12
CA VAL A 127 5.36 7.60 6.02
C VAL A 127 3.98 8.00 6.55
N VAL A 128 2.94 7.30 6.13
CA VAL A 128 1.59 7.57 6.62
C VAL A 128 1.50 7.12 8.09
N ALA A 129 1.91 5.89 8.32
CA ALA A 129 1.81 5.19 9.60
C ALA A 129 2.72 3.99 9.67
N ILE A 130 3.17 3.64 10.91
CA ILE A 130 3.93 2.46 11.31
C ILE A 130 3.04 1.79 12.33
N LEU A 131 2.33 0.74 11.95
CA LEU A 131 1.32 0.19 12.82
C LEU A 131 1.51 -1.26 13.15
N ASP A 132 1.16 -1.60 14.37
CA ASP A 132 1.20 -2.96 14.84
C ASP A 132 -0.04 -3.69 14.30
N LYS A 133 0.18 -4.71 13.44
CA LYS A 133 -0.87 -5.55 12.84
C LYS A 133 -1.90 -6.03 13.89
N HIS A 134 -1.43 -6.56 15.04
CA HIS A 134 -2.29 -7.08 16.12
C HIS A 134 -3.29 -6.03 16.64
N LYS A 135 -2.90 -4.75 16.68
CA LYS A 135 -3.73 -3.66 17.19
C LYS A 135 -4.64 -3.05 16.12
N ASN A 136 -4.35 -3.27 14.82
CA ASN A 136 -5.06 -2.60 13.73
C ASN A 136 -5.69 -3.52 12.66
N ASN A 137 -5.24 -4.78 12.52
CA ASN A 137 -5.76 -5.67 11.46
C ASN A 137 -6.26 -7.01 12.00
N PRO A 138 -7.31 -7.63 11.36
CA PRO A 138 -7.89 -8.89 11.87
C PRO A 138 -6.89 -10.01 12.23
N ARG A 144 2.91 -11.36 14.56
CA ARG A 144 3.68 -10.24 15.10
C ARG A 144 4.29 -9.45 13.93
N VAL A 145 3.52 -8.50 13.40
CA VAL A 145 3.92 -7.73 12.21
C VAL A 145 3.82 -6.23 12.47
N THR A 146 4.85 -5.48 12.04
CA THR A 146 4.86 -4.03 12.08
C THR A 146 4.59 -3.63 10.63
N LYS A 147 3.53 -2.84 10.40
CA LYS A 147 3.13 -2.44 9.05
C LYS A 147 3.50 -1.01 8.78
N VAL A 148 4.25 -0.77 7.70
CA VAL A 148 4.63 0.60 7.32
C VAL A 148 3.84 0.98 6.07
N PHE A 149 2.94 1.98 6.18
CA PHE A 149 2.16 2.51 5.08
C PHE A 149 2.92 3.70 4.53
N ILE A 150 3.29 3.64 3.24
CA ILE A 150 4.07 4.66 2.56
C ILE A 150 3.22 5.32 1.47
N LEU A 151 3.11 6.66 1.51
CA LEU A 151 2.43 7.37 0.47
C LEU A 151 3.44 7.52 -0.67
N CYS A 152 3.03 7.09 -1.88
CA CYS A 152 3.85 7.13 -3.08
C CYS A 152 3.19 7.98 -4.12
N ARG A 153 4.02 8.60 -4.92
CA ARG A 153 3.63 9.47 -5.97
C ARG A 153 3.82 8.71 -7.29
N LEU A 154 2.78 8.67 -8.14
CA LEU A 154 2.83 7.96 -9.42
C LEU A 154 3.73 8.66 -10.45
N LEU A 155 4.62 7.90 -11.10
CA LEU A 155 5.45 8.42 -12.18
C LEU A 155 4.86 7.96 -13.49
N GLY A 156 4.47 6.69 -13.59
CA GLY A 156 3.88 6.14 -14.80
C GLY A 156 3.83 4.62 -14.75
N GLY A 157 3.59 4.01 -15.90
CA GLY A 157 3.56 2.56 -16.08
C GLY A 157 2.17 2.05 -16.31
N GLU A 158 2.02 0.74 -16.33
CA GLU A 158 0.74 0.06 -16.57
C GLU A 158 0.80 -1.36 -16.06
N PHE A 159 -0.35 -1.93 -15.71
CA PHE A 159 -0.41 -3.31 -15.20
C PHE A 159 0.15 -4.31 -16.22
N GLN A 160 0.97 -5.27 -15.75
CA GLN A 160 1.59 -6.30 -16.58
C GLN A 160 1.45 -7.72 -15.94
N PRO A 161 1.37 -8.82 -16.73
CA PRO A 161 1.28 -10.17 -16.11
C PRO A 161 2.44 -10.46 -15.15
N ASN A 162 2.13 -11.12 -14.02
CA ASN A 162 3.09 -11.46 -12.96
C ASN A 162 2.55 -12.61 -12.10
N SER A 163 3.44 -13.17 -11.26
CA SER A 163 3.19 -14.32 -10.38
C SER A 163 2.53 -13.93 -9.04
N GLU A 164 2.44 -12.63 -8.73
CA GLU A 164 1.89 -12.18 -7.47
C GLU A 164 0.44 -11.68 -7.56
N THR A 165 0.09 -10.91 -8.60
CA THR A 165 -1.23 -10.30 -8.73
C THR A 165 -1.81 -10.56 -10.11
N VAL A 166 -3.13 -10.34 -10.26
CA VAL A 166 -3.85 -10.68 -11.50
C VAL A 166 -4.58 -9.48 -12.14
N ALA A 167 -4.72 -8.36 -11.40
CA ALA A 167 -5.35 -7.10 -11.84
C ALA A 167 -5.00 -5.95 -10.90
N SER A 168 -5.30 -4.72 -11.32
CA SER A 168 -5.09 -3.48 -10.58
C SER A 168 -6.08 -2.41 -11.07
N GLY A 169 -6.32 -1.41 -10.25
CA GLY A 169 -7.25 -0.36 -10.60
C GLY A 169 -7.26 0.77 -9.59
N PHE A 170 -7.81 1.92 -9.98
CA PHE A 170 -7.97 3.05 -9.08
C PHE A 170 -9.39 3.02 -8.58
N PHE A 171 -9.54 2.99 -7.26
CA PHE A 171 -10.84 2.87 -6.64
C PHE A 171 -11.14 4.02 -5.73
N SER A 172 -12.38 4.51 -5.79
CA SER A 172 -12.90 5.56 -4.93
C SER A 172 -13.11 4.97 -3.52
N LEU A 173 -12.81 5.75 -2.47
CA LEU A 173 -12.96 5.26 -1.09
C LEU A 173 -14.44 5.06 -0.69
N ASP A 174 -15.38 5.55 -1.52
CA ASP A 174 -16.82 5.41 -1.31
C ASP A 174 -17.34 4.16 -2.02
N ASP A 175 -16.52 3.54 -2.91
CA ASP A 175 -16.90 2.34 -3.65
C ASP A 175 -15.68 1.40 -3.80
N LEU A 176 -15.22 0.87 -2.66
CA LEU A 176 -14.07 -0.01 -2.62
C LEU A 176 -14.42 -1.46 -3.04
N PRO A 177 -13.46 -2.20 -3.64
CA PRO A 177 -13.72 -3.60 -4.00
C PRO A 177 -13.51 -4.49 -2.75
N PRO A 178 -13.75 -5.84 -2.77
CA PRO A 178 -13.52 -6.62 -1.53
C PRO A 178 -12.05 -6.59 -1.12
N LEU A 179 -11.78 -6.25 0.15
CA LEU A 179 -10.42 -6.06 0.63
C LEU A 179 -9.86 -7.21 1.43
N TYR A 180 -8.54 -7.39 1.35
CA TYR A 180 -7.80 -8.34 2.18
C TYR A 180 -7.53 -7.54 3.45
N LEU A 181 -8.48 -7.62 4.42
CA LEU A 181 -8.49 -6.84 5.66
C LEU A 181 -7.25 -7.02 6.54
N GLY A 182 -6.66 -8.23 6.53
CA GLY A 182 -5.41 -8.51 7.23
C GLY A 182 -4.25 -7.67 6.71
N LYS A 183 -4.34 -7.26 5.43
CA LYS A 183 -3.34 -6.43 4.75
C LYS A 183 -3.67 -4.95 4.88
N ASN A 184 -4.94 -4.56 4.70
CA ASN A 184 -5.36 -3.17 4.81
C ASN A 184 -6.86 -3.04 5.06
N THR A 185 -7.24 -2.30 6.10
CA THR A 185 -8.64 -1.99 6.41
C THR A 185 -9.07 -0.74 5.62
N ALA A 186 -10.39 -0.49 5.54
CA ALA A 186 -10.95 0.71 4.87
C ALA A 186 -10.45 1.98 5.61
N GLU A 187 -10.33 1.89 6.94
CA GLU A 187 -9.84 2.91 7.85
C GLU A 187 -8.41 3.31 7.50
N GLN A 188 -7.53 2.31 7.27
CA GLN A 188 -6.12 2.56 6.86
C GLN A 188 -6.05 3.23 5.49
N LEU A 189 -6.92 2.84 4.55
CA LEU A 189 -6.96 3.47 3.21
C LEU A 189 -7.41 4.92 3.33
N ALA A 190 -8.44 5.20 4.18
CA ALA A 190 -8.94 6.54 4.48
C ALA A 190 -7.82 7.38 5.11
N LEU A 191 -7.02 6.78 5.99
CA LEU A 191 -5.86 7.45 6.60
C LEU A 191 -4.83 7.85 5.52
N CYS A 192 -4.56 6.94 4.56
CA CYS A 192 -3.65 7.20 3.44
C CYS A 192 -4.18 8.36 2.57
N LEU A 193 -5.52 8.41 2.30
CA LEU A 193 -6.12 9.52 1.52
C LEU A 193 -5.91 10.87 2.24
N GLU A 194 -6.18 10.89 3.56
CA GLU A 194 -5.99 12.07 4.39
C GLU A 194 -4.51 12.53 4.31
N ALA A 195 -3.53 11.59 4.38
CA ALA A 195 -2.10 11.91 4.23
C ALA A 195 -1.81 12.50 2.84
N SER A 196 -2.42 11.96 1.77
CA SER A 196 -2.22 12.51 0.43
C SER A 196 -2.78 13.92 0.27
N ARG A 197 -3.82 14.28 1.04
CA ARG A 197 -4.47 15.60 0.98
C ARG A 197 -3.83 16.64 1.94
N SER A 198 -2.91 16.23 2.79
CA SER A 198 -2.38 17.12 3.81
C SER A 198 -1.00 17.67 3.46
N GLU A 199 -0.82 19.00 3.55
CA GLU A 199 0.48 19.61 3.35
C GLU A 199 1.43 19.12 4.46
N HIS A 200 0.95 19.16 5.71
CA HIS A 200 1.69 18.65 6.85
C HIS A 200 1.10 17.35 7.34
N TRP A 201 1.94 16.42 7.77
CA TRP A 201 1.47 15.14 8.26
C TRP A 201 2.27 14.65 9.45
N GLU A 202 1.56 14.22 10.48
CA GLU A 202 2.15 13.61 11.67
C GLU A 202 2.01 12.11 11.50
N THR A 203 3.15 11.39 11.25
CA THR A 203 3.17 9.94 11.04
C THR A 203 2.58 9.23 12.26
N ARG A 204 1.63 8.34 12.01
CA ARG A 204 0.94 7.64 13.10
C ARG A 204 1.65 6.40 13.46
N PHE A 205 1.64 6.06 14.75
CA PHE A 205 2.29 4.84 15.18
C PHE A 205 1.66 4.40 16.50
N ASP A 206 1.77 3.12 16.84
CA ASP A 206 1.23 2.62 18.12
C ASP A 206 2.12 1.53 18.73
#